data_7X5S
#
_entry.id   7X5S
#
_cell.length_a   77.194
_cell.length_b   84.211
_cell.length_c   62.616
_cell.angle_alpha   90.00
_cell.angle_beta   100.78
_cell.angle_gamma   90.00
#
_symmetry.space_group_name_H-M   'C 1 2 1'
#
loop_
_entity.id
_entity.type
_entity.pdbx_description
1 polymer '4-hydroxyphenylpyruvate dioxygenase'
2 non-polymer 'COBALT (II) ION'
3 non-polymer 2-methyl-4-(2-nitro-4-piperidin-1-yl-phenyl)carbonyl-5-phenyl-1H-pyrazol-3-one
4 water water
#
_entity_poly.entity_id   1
_entity_poly.type   'polypeptide(L)'
_entity_poly.pdbx_seq_one_letter_code
;GSHMVRKNPKSDKFKVKRFHHIEFWCGDATNVARRFSWGLGMRFSAKSDLSTGNMVHASYLLTSGDLRFLFTAPYSPSLS
AGEIKPTTTASIPSFDHGSCRSFFSSHGLGVRAVAIEVEDAESAFSISVANGAIPSSPPIVLNEAVTIAEVKLYGDVVLR
YVSYKAEDTEKSEFLPGFERVEDASSFPLDYGIRRLDHAVGNVPELGPALTYVAGFTGFHQFAEFTADDVGTAESGLNSA
VLASNDEMVLLPINEPVHGTKRKSQIQTYLEHNEGAGLQHLALMSEDIFRTLREMRKRSSIGGFDFMPSPPPTYYQNLKK
RVGDVLSDDQIKECEELGILVDRDDQGTLLQIFTKPLGDRPTIFIEIIQRVGCMMKDEEGKAYQSGGCGGFGKGNFSELF
KSIEEYEKTLEAKQLVG
;
_entity_poly.pdbx_strand_id   A
#
loop_
_chem_comp.id
_chem_comp.type
_chem_comp.name
_chem_comp.formula
9QL non-polymer 2-methyl-4-(2-nitro-4-piperidin-1-yl-phenyl)carbonyl-5-phenyl-1H-pyrazol-3-one 'C22 H22 N4 O4'
CO non-polymer 'COBALT (II) ION' 'Co 2'
#
# COMPACT_ATOMS: atom_id res chain seq x y z
N LYS A 7 15.60 -18.35 6.61
CA LYS A 7 16.74 -17.61 7.17
C LYS A 7 16.50 -16.11 7.11
N ASN A 8 16.78 -15.42 8.22
CA ASN A 8 16.62 -13.98 8.32
C ASN A 8 17.92 -13.40 8.86
N PRO A 9 18.78 -12.85 7.98
CA PRO A 9 20.08 -12.34 8.43
C PRO A 9 20.01 -11.05 9.24
N LYS A 10 18.85 -10.42 9.34
CA LYS A 10 18.65 -9.21 10.15
C LYS A 10 19.68 -8.13 9.83
N SER A 11 19.72 -7.75 8.56
CA SER A 11 20.81 -6.95 7.99
C SER A 11 20.40 -5.51 7.68
N ASP A 12 19.25 -5.05 8.20
CA ASP A 12 18.83 -3.66 8.01
C ASP A 12 19.97 -2.72 8.35
N LYS A 13 20.23 -1.77 7.45
CA LYS A 13 21.34 -0.85 7.65
C LYS A 13 20.98 0.29 8.58
N PHE A 14 19.71 0.44 8.94
CA PHE A 14 19.27 1.42 9.92
C PHE A 14 18.00 0.90 10.58
N LYS A 15 17.64 1.50 11.71
CA LYS A 15 16.53 1.00 12.52
C LYS A 15 15.20 1.42 11.89
N VAL A 16 14.41 0.44 11.46
CA VAL A 16 13.10 0.65 10.85
C VAL A 16 12.05 0.17 11.84
N LYS A 17 10.97 0.96 11.99
CA LYS A 17 9.89 0.57 12.87
C LYS A 17 8.76 -0.07 12.07
N ARG A 18 7.76 0.70 11.67
CA ARG A 18 6.60 0.16 10.96
C ARG A 18 6.28 1.03 9.76
N PHE A 19 5.40 0.53 8.90
CA PHE A 19 4.79 1.39 7.89
C PHE A 19 4.12 2.55 8.60
N HIS A 20 4.25 3.75 8.02
CA HIS A 20 3.69 4.94 8.66
C HIS A 20 2.52 5.51 7.89
N HIS A 21 2.66 5.75 6.60
CA HIS A 21 1.52 6.18 5.80
C HIS A 21 1.81 5.89 4.34
N ILE A 22 0.76 6.02 3.55
CA ILE A 22 0.82 5.93 2.10
C ILE A 22 0.27 7.24 1.57
N GLU A 23 0.98 7.87 0.63
CA GLU A 23 0.53 9.15 0.06
C GLU A 23 0.19 8.96 -1.40
N PHE A 24 -1.07 9.27 -1.75
CA PHE A 24 -1.52 9.34 -3.13
C PHE A 24 -1.37 10.76 -3.64
N TRP A 25 -0.88 10.88 -4.86
CA TRP A 25 -0.91 12.17 -5.54
C TRP A 25 -2.10 12.20 -6.50
N CYS A 26 -2.90 13.25 -6.37
CA CYS A 26 -4.23 13.35 -6.96
C CYS A 26 -4.29 14.64 -7.76
N GLY A 27 -5.35 14.80 -8.55
CA GLY A 27 -5.59 16.10 -9.10
C GLY A 27 -6.59 16.89 -8.27
N ASP A 28 -7.50 16.16 -7.64
CA ASP A 28 -8.42 16.70 -6.65
C ASP A 28 -8.43 15.80 -5.42
N ALA A 29 -7.80 16.25 -4.35
CA ALA A 29 -7.66 15.39 -3.17
C ALA A 29 -9.00 15.20 -2.47
N THR A 30 -9.88 16.20 -2.53
CA THR A 30 -11.16 16.13 -1.81
C THR A 30 -12.02 14.98 -2.30
N ASN A 31 -12.14 14.84 -3.62
CA ASN A 31 -13.05 13.83 -4.14
C ASN A 31 -12.49 12.43 -3.97
N VAL A 32 -11.17 12.26 -4.15
CA VAL A 32 -10.60 10.93 -3.94
C VAL A 32 -10.69 10.54 -2.48
N ALA A 33 -10.34 11.47 -1.58
CA ALA A 33 -10.38 11.16 -0.15
C ALA A 33 -11.79 10.80 0.30
N ARG A 34 -12.80 11.54 -0.18
CA ARG A 34 -14.16 11.27 0.24
C ARG A 34 -14.65 9.92 -0.29
N ARG A 35 -14.26 9.58 -1.52
CA ARG A 35 -14.61 8.27 -2.07
C ARG A 35 -13.95 7.15 -1.27
N PHE A 36 -12.64 7.28 -0.99
CA PHE A 36 -11.91 6.26 -0.25
C PHE A 36 -12.46 6.11 1.16
N SER A 37 -12.81 7.23 1.80
CA SER A 37 -13.33 7.17 3.17
C SER A 37 -14.57 6.30 3.24
N TRP A 38 -15.53 6.58 2.35
CA TRP A 38 -16.78 5.81 2.34
C TRP A 38 -16.54 4.38 1.91
N GLY A 39 -15.70 4.16 0.90
CA GLY A 39 -15.51 2.82 0.36
C GLY A 39 -14.76 1.87 1.29
N LEU A 40 -13.84 2.40 2.09
CA LEU A 40 -12.96 1.57 2.91
C LEU A 40 -13.24 1.71 4.40
N GLY A 41 -14.10 2.65 4.79
CA GLY A 41 -14.40 2.82 6.20
C GLY A 41 -13.29 3.49 6.96
N MET A 42 -12.71 4.55 6.40
CA MET A 42 -11.65 5.29 7.06
C MET A 42 -12.17 6.66 7.45
N ARG A 43 -11.72 7.14 8.59
CA ARG A 43 -12.16 8.40 9.15
C ARG A 43 -11.27 9.53 8.69
N PHE A 44 -11.86 10.69 8.44
CA PHE A 44 -11.07 11.89 8.19
C PHE A 44 -10.41 12.33 9.50
N SER A 45 -9.07 12.33 9.53
CA SER A 45 -8.31 12.54 10.75
C SER A 45 -7.58 13.88 10.82
N ALA A 46 -7.01 14.36 9.72
CA ALA A 46 -6.21 15.57 9.77
C ALA A 46 -6.20 16.20 8.39
N LYS A 47 -5.89 17.50 8.34
CA LYS A 47 -5.88 18.23 7.09
C LYS A 47 -4.79 19.27 7.09
N SER A 48 -4.29 19.57 5.89
CA SER A 48 -3.37 20.67 5.65
C SER A 48 -3.82 21.28 4.33
N ASP A 49 -4.38 22.48 4.38
CA ASP A 49 -4.96 23.06 3.15
C ASP A 49 -5.08 24.56 3.36
N LEU A 50 -5.83 25.23 2.49
CA LEU A 50 -5.99 26.68 2.61
C LEU A 50 -6.47 27.07 4.00
N SER A 51 -7.36 26.28 4.59
CA SER A 51 -7.92 26.63 5.89
C SER A 51 -6.91 26.49 7.02
N THR A 52 -5.76 25.85 6.77
CA THR A 52 -4.69 25.73 7.75
C THR A 52 -3.49 26.58 7.37
N GLY A 53 -3.62 27.43 6.36
CA GLY A 53 -2.58 28.32 5.91
C GLY A 53 -1.69 27.78 4.82
N ASN A 54 -1.93 26.56 4.34
CA ASN A 54 -1.11 25.97 3.30
C ASN A 54 -1.60 26.45 1.94
N MET A 55 -0.82 27.34 1.31
CA MET A 55 -1.15 27.90 0.00
C MET A 55 -0.60 27.08 -1.13
N VAL A 56 0.01 25.93 -0.84
CA VAL A 56 0.77 25.17 -1.81
C VAL A 56 0.01 23.91 -2.23
N HIS A 57 -0.41 23.10 -1.27
CA HIS A 57 -1.08 21.85 -1.58
C HIS A 57 -2.20 21.58 -0.58
N ALA A 58 -3.20 20.84 -1.05
CA ALA A 58 -4.28 20.34 -0.21
C ALA A 58 -3.96 18.89 0.15
N SER A 59 -3.93 18.58 1.44
CA SER A 59 -3.57 17.24 1.89
C SER A 59 -4.59 16.78 2.94
N TYR A 60 -5.24 15.64 2.71
CA TYR A 60 -6.22 15.12 3.64
C TYR A 60 -5.82 13.73 4.08
N LEU A 61 -5.84 13.49 5.39
CA LEU A 61 -5.42 12.22 5.96
C LEU A 61 -6.63 11.41 6.40
N LEU A 62 -6.69 10.15 5.94
CA LEU A 62 -7.69 9.18 6.38
C LEU A 62 -7.02 8.12 7.23
N THR A 63 -7.70 7.69 8.30
CA THR A 63 -7.11 6.66 9.16
C THR A 63 -8.12 5.56 9.45
N SER A 64 -7.61 4.34 9.54
CA SER A 64 -8.41 3.24 10.10
C SER A 64 -7.45 2.41 10.95
N GLY A 65 -7.63 2.40 12.25
CA GLY A 65 -6.64 1.79 13.11
C GLY A 65 -5.30 2.49 12.93
N ASP A 66 -4.27 1.71 12.59
CA ASP A 66 -2.95 2.25 12.34
C ASP A 66 -2.73 2.57 10.87
N LEU A 67 -3.69 2.28 9.99
CA LEU A 67 -3.53 2.55 8.57
C LEU A 67 -3.74 4.04 8.34
N ARG A 68 -2.80 4.66 7.62
CA ARG A 68 -2.87 6.09 7.31
C ARG A 68 -2.78 6.26 5.80
N PHE A 69 -3.83 6.79 5.18
CA PHE A 69 -3.82 7.16 3.76
C PHE A 69 -3.85 8.68 3.64
N LEU A 70 -2.87 9.25 2.93
CA LEU A 70 -2.77 10.69 2.68
C LEU A 70 -3.08 10.97 1.22
N PHE A 71 -3.95 11.95 0.96
CA PHE A 71 -4.31 12.36 -0.40
C PHE A 71 -3.92 13.82 -0.57
N THR A 72 -3.08 14.09 -1.58
CA THR A 72 -2.52 15.41 -1.80
C THR A 72 -2.70 15.82 -3.25
N ALA A 73 -3.05 17.10 -3.47
CA ALA A 73 -3.19 17.69 -4.79
C ALA A 73 -2.62 19.08 -4.73
N PRO A 74 -2.13 19.60 -5.86
CA PRO A 74 -1.60 20.97 -5.89
C PRO A 74 -2.67 22.03 -6.11
N TYR A 75 -2.47 23.18 -5.47
CA TYR A 75 -3.23 24.38 -5.81
C TYR A 75 -2.61 25.07 -7.02
N SER A 76 -3.23 26.15 -7.47
CA SER A 76 -2.60 26.98 -8.48
C SER A 76 -1.26 27.48 -7.96
N PRO A 77 -0.17 27.36 -8.75
CA PRO A 77 1.12 27.89 -8.29
C PRO A 77 1.06 29.38 -7.97
N SER A 78 0.07 30.08 -8.55
CA SER A 78 -0.02 31.52 -8.33
C SER A 78 -0.27 31.87 -6.87
N LEU A 79 -0.91 30.98 -6.10
CA LEU A 79 -1.20 31.27 -4.71
C LEU A 79 0.07 31.40 -3.88
N SER A 80 1.19 30.84 -4.35
CA SER A 80 2.42 30.77 -3.58
C SER A 80 3.60 31.30 -4.40
N ALA A 81 3.33 32.09 -5.43
CA ALA A 81 4.39 32.56 -6.32
C ALA A 81 5.39 33.43 -5.60
N GLY A 82 4.98 34.11 -4.53
CA GLY A 82 5.92 34.90 -3.77
C GLY A 82 6.82 34.13 -2.82
N GLU A 83 6.52 32.85 -2.59
CA GLU A 83 7.25 32.05 -1.63
C GLU A 83 8.54 31.50 -2.21
N ILE A 84 9.50 31.27 -1.33
CA ILE A 84 10.68 30.47 -1.64
C ILE A 84 10.71 29.35 -0.61
N LYS A 85 11.56 28.35 -0.83
CA LYS A 85 11.58 27.21 0.09
C LYS A 85 11.80 27.65 1.54
N PRO A 86 12.70 28.58 1.85
CA PRO A 86 12.78 29.08 3.24
C PRO A 86 11.50 29.70 3.77
N THR A 87 10.59 30.17 2.90
CA THR A 87 9.36 30.82 3.34
C THR A 87 8.11 30.01 3.00
N THR A 88 8.26 28.72 2.69
CA THR A 88 7.11 27.95 2.19
C THR A 88 6.01 27.79 3.24
N THR A 89 4.77 27.80 2.76
CA THR A 89 3.62 27.45 3.60
C THR A 89 3.21 25.99 3.40
N ALA A 90 3.93 25.25 2.56
CA ALA A 90 3.67 23.82 2.45
C ALA A 90 3.98 23.11 3.76
N SER A 91 3.17 22.11 4.08
CA SER A 91 3.43 21.33 5.27
C SER A 91 4.28 20.11 4.98
N ILE A 92 4.35 19.70 3.72
CA ILE A 92 5.24 18.61 3.31
C ILE A 92 6.31 19.23 2.42
N PRO A 93 7.51 19.51 2.94
CA PRO A 93 8.48 20.31 2.19
C PRO A 93 8.98 19.65 0.91
N SER A 94 8.86 18.33 0.78
CA SER A 94 9.26 17.67 -0.46
C SER A 94 8.31 17.93 -1.62
N PHE A 95 7.12 18.48 -1.36
CA PHE A 95 6.13 18.67 -2.42
C PHE A 95 6.60 19.70 -3.44
N ASP A 96 6.33 19.41 -4.71
CA ASP A 96 6.65 20.31 -5.82
C ASP A 96 5.49 20.30 -6.81
N HIS A 97 4.97 21.50 -7.14
CA HIS A 97 3.84 21.59 -8.08
C HIS A 97 4.15 20.84 -9.37
N GLY A 98 5.32 21.11 -9.96
CA GLY A 98 5.67 20.50 -11.23
C GLY A 98 5.78 18.98 -11.15
N SER A 99 6.43 18.47 -10.10
CA SER A 99 6.53 17.03 -9.94
C SER A 99 5.16 16.39 -9.80
N CYS A 100 4.29 17.02 -9.02
CA CYS A 100 2.98 16.43 -8.79
C CYS A 100 2.14 16.43 -10.06
N ARG A 101 2.13 17.54 -10.79
CA ARG A 101 1.37 17.55 -12.03
C ARG A 101 1.95 16.58 -13.05
N SER A 102 3.28 16.51 -13.10
CA SER A 102 3.95 15.55 -13.99
C SER A 102 3.55 14.13 -13.61
N PHE A 103 3.54 13.83 -12.32
CA PHE A 103 3.21 12.48 -11.86
C PHE A 103 1.79 12.10 -12.25
N PHE A 104 0.81 12.97 -11.96
CA PHE A 104 -0.60 12.64 -12.20
C PHE A 104 -0.90 12.58 -13.69
N SER A 105 -0.35 13.51 -14.47
CA SER A 105 -0.58 13.45 -15.90
C SER A 105 0.05 12.22 -16.52
N SER A 106 1.18 11.75 -15.97
CA SER A 106 1.85 10.58 -16.51
C SER A 106 1.19 9.27 -16.06
N HIS A 107 0.95 9.15 -14.75
CA HIS A 107 0.53 7.88 -14.19
C HIS A 107 -0.96 7.81 -13.84
N GLY A 108 -1.66 8.94 -13.80
CA GLY A 108 -2.99 8.96 -13.24
C GLY A 108 -2.89 8.82 -11.73
N LEU A 109 -4.04 8.60 -11.10
CA LEU A 109 -4.10 8.46 -9.65
C LEU A 109 -3.24 7.30 -9.16
N GLY A 110 -2.39 7.56 -8.19
CA GLY A 110 -1.50 6.50 -7.73
C GLY A 110 -0.72 6.92 -6.51
N VAL A 111 0.06 5.96 -6.02
CA VAL A 111 0.86 6.18 -4.81
C VAL A 111 2.16 6.88 -5.19
N ARG A 112 2.42 8.01 -4.55
CA ARG A 112 3.70 8.70 -4.67
C ARG A 112 4.71 8.25 -3.63
N ALA A 113 4.27 8.11 -2.37
CA ALA A 113 5.19 7.79 -1.28
C ALA A 113 4.71 6.60 -0.47
N VAL A 114 5.62 5.65 -0.26
CA VAL A 114 5.50 4.62 0.76
C VAL A 114 6.34 5.08 1.93
N ALA A 115 5.70 5.42 3.04
CA ALA A 115 6.40 6.01 4.18
C ALA A 115 6.56 5.01 5.30
N ILE A 116 7.78 4.91 5.83
CA ILE A 116 8.06 4.05 6.96
C ILE A 116 8.60 4.90 8.11
N GLU A 117 8.22 4.56 9.34
CA GLU A 117 8.79 5.22 10.49
C GLU A 117 10.14 4.60 10.82
N VAL A 118 11.12 5.45 11.07
CA VAL A 118 12.47 5.01 11.40
C VAL A 118 12.90 5.72 12.68
N GLU A 119 14.02 5.25 13.24
CA GLU A 119 14.57 5.87 14.44
C GLU A 119 15.07 7.28 14.17
N ASP A 120 15.73 7.49 13.04
CA ASP A 120 16.39 8.75 12.71
C ASP A 120 16.36 8.88 11.19
N ALA A 121 15.46 9.74 10.68
CA ALA A 121 15.31 9.87 9.24
C ALA A 121 16.53 10.50 8.58
N GLU A 122 17.25 11.37 9.29
CA GLU A 122 18.46 11.95 8.70
C GLU A 122 19.56 10.89 8.55
N SER A 123 19.72 10.04 9.57
CA SER A 123 20.67 8.94 9.45
C SER A 123 20.22 7.93 8.40
N ALA A 124 18.93 7.55 8.42
CA ALA A 124 18.42 6.64 7.40
C ALA A 124 18.69 7.15 5.99
N PHE A 125 18.48 8.45 5.76
CA PHE A 125 18.74 9.02 4.44
C PHE A 125 20.22 8.93 4.11
N SER A 126 21.07 9.29 5.06
CA SER A 126 22.51 9.33 4.80
C SER A 126 23.05 7.95 4.50
N ILE A 127 22.68 6.96 5.33
CA ILE A 127 23.11 5.58 5.11
C ILE A 127 22.55 5.05 3.81
N SER A 128 21.26 5.32 3.52
CA SER A 128 20.69 4.88 2.25
C SER A 128 21.47 5.41 1.07
N VAL A 129 21.74 6.72 1.04
CA VAL A 129 22.40 7.31 -0.12
C VAL A 129 23.85 6.83 -0.19
N ALA A 130 24.49 6.67 0.97
CA ALA A 130 25.84 6.12 1.00
C ALA A 130 25.87 4.70 0.45
N ASN A 131 24.71 4.03 0.40
CA ASN A 131 24.63 2.66 -0.08
C ASN A 131 23.85 2.54 -1.38
N GLY A 132 23.78 3.61 -2.18
CA GLY A 132 23.28 3.52 -3.54
C GLY A 132 21.91 4.13 -3.76
N ALA A 133 21.20 4.54 -2.72
CA ALA A 133 19.88 5.14 -2.93
C ALA A 133 20.00 6.45 -3.66
N ILE A 134 19.05 6.71 -4.56
CA ILE A 134 19.00 7.95 -5.31
C ILE A 134 18.21 8.97 -4.48
N PRO A 135 18.82 10.08 -4.08
CA PRO A 135 18.10 11.03 -3.24
C PRO A 135 16.94 11.68 -3.98
N SER A 136 15.84 11.87 -3.27
CA SER A 136 14.70 12.57 -3.83
C SER A 136 14.39 13.85 -3.08
N SER A 137 14.46 13.83 -1.74
CA SER A 137 14.31 15.02 -0.96
C SER A 137 15.17 14.87 0.29
N PRO A 138 16.05 15.83 0.57
CA PRO A 138 16.96 15.71 1.72
C PRO A 138 16.22 15.81 3.03
N PRO A 139 16.84 15.36 4.12
CA PRO A 139 16.20 15.45 5.43
C PRO A 139 15.85 16.90 5.77
N ILE A 140 14.63 17.10 6.23
CA ILE A 140 14.15 18.40 6.68
C ILE A 140 13.48 18.19 8.03
N VAL A 141 13.80 19.05 8.99
CA VAL A 141 13.25 18.98 10.34
C VAL A 141 12.07 19.94 10.43
N LEU A 142 10.91 19.42 10.81
CA LEU A 142 9.68 20.20 10.87
C LEU A 142 9.39 20.56 12.31
N ASN A 143 9.38 21.87 12.61
CA ASN A 143 9.04 22.40 13.93
C ASN A 143 9.84 21.71 15.04
N GLU A 144 11.11 21.43 14.74
CA GLU A 144 12.04 20.80 15.70
C GLU A 144 11.47 19.50 16.27
N ALA A 145 10.58 18.84 15.53
CA ALA A 145 9.83 17.73 16.12
C ALA A 145 9.78 16.47 15.26
N VAL A 146 9.76 16.61 13.93
CA VAL A 146 9.71 15.45 13.04
C VAL A 146 10.69 15.69 11.91
N THR A 147 11.34 14.62 11.48
CA THR A 147 12.28 14.69 10.37
C THR A 147 11.76 13.83 9.23
N ILE A 148 11.79 14.38 8.02
CA ILE A 148 11.25 13.75 6.84
C ILE A 148 12.32 13.76 5.75
N ALA A 149 12.49 12.62 5.07
CA ALA A 149 13.45 12.50 3.97
C ALA A 149 12.94 11.46 2.99
N GLU A 150 13.40 11.55 1.73
CA GLU A 150 12.86 10.69 0.68
C GLU A 150 13.95 10.22 -0.27
N VAL A 151 13.88 8.94 -0.66
CA VAL A 151 14.76 8.40 -1.70
C VAL A 151 13.90 7.68 -2.73
N LYS A 152 14.43 7.54 -3.94
CA LYS A 152 13.66 6.88 -4.98
C LYS A 152 13.52 5.39 -4.66
N LEU A 153 12.31 4.85 -4.88
CA LEU A 153 12.06 3.43 -4.68
C LEU A 153 12.01 2.67 -6.00
N TYR A 154 11.05 3.01 -6.87
CA TYR A 154 10.96 2.52 -8.24
C TYR A 154 10.04 3.46 -9.00
N GLY A 155 10.26 3.59 -10.31
CA GLY A 155 9.47 4.54 -11.08
C GLY A 155 9.55 5.92 -10.47
N ASP A 156 8.39 6.56 -10.30
CA ASP A 156 8.27 7.83 -9.61
C ASP A 156 7.74 7.67 -8.18
N VAL A 157 7.86 6.48 -7.62
CA VAL A 157 7.48 6.22 -6.23
C VAL A 157 8.71 6.42 -5.36
N VAL A 158 8.53 7.06 -4.22
CA VAL A 158 9.63 7.29 -3.29
C VAL A 158 9.38 6.52 -1.99
N LEU A 159 10.47 6.07 -1.38
CA LEU A 159 10.44 5.56 -0.02
C LEU A 159 10.69 6.74 0.90
N ARG A 160 9.74 7.02 1.78
CA ARG A 160 9.78 8.19 2.64
C ARG A 160 10.12 7.75 4.05
N TYR A 161 11.17 8.35 4.63
CA TYR A 161 11.55 8.09 6.02
C TYR A 161 10.98 9.16 6.91
N VAL A 162 10.36 8.75 8.02
CA VAL A 162 9.79 9.64 9.02
C VAL A 162 10.29 9.23 10.39
N SER A 163 10.82 10.18 11.15
CA SER A 163 11.27 9.91 12.51
C SER A 163 10.73 10.99 13.44
N TYR A 164 10.38 10.60 14.65
CA TYR A 164 9.77 11.51 15.63
C TYR A 164 10.67 11.62 16.84
N LYS A 165 10.93 12.85 17.28
CA LYS A 165 11.66 13.04 18.53
C LYS A 165 10.88 12.46 19.70
N ALA A 166 9.59 12.75 19.77
CA ALA A 166 8.76 12.25 20.87
C ALA A 166 8.04 10.95 20.47
N GLU A 173 -1.47 15.51 14.91
CA GLU A 173 -0.29 14.81 15.42
C GLU A 173 0.42 14.07 14.30
N PHE A 174 -0.17 14.10 13.10
CA PHE A 174 0.43 13.46 11.94
C PHE A 174 1.78 14.09 11.62
N LEU A 175 1.74 15.33 11.13
CA LEU A 175 2.91 16.14 10.87
C LEU A 175 2.62 17.54 11.38
N PRO A 176 3.66 18.32 11.70
CA PRO A 176 3.44 19.74 11.99
C PRO A 176 2.77 20.43 10.81
N GLY A 177 1.94 21.42 11.12
CA GLY A 177 1.17 22.09 10.12
C GLY A 177 -0.15 21.44 9.78
N PHE A 178 -0.32 20.16 10.11
CA PHE A 178 -1.62 19.51 9.94
C PHE A 178 -2.48 19.81 11.16
N GLU A 179 -3.77 20.00 10.92
CA GLU A 179 -4.74 20.23 11.99
C GLU A 179 -5.67 19.04 12.10
N ARG A 180 -6.10 18.76 13.33
CA ARG A 180 -7.13 17.74 13.55
C ARG A 180 -8.47 18.23 13.01
N VAL A 181 -9.20 17.33 12.37
CA VAL A 181 -10.46 17.70 11.72
C VAL A 181 -11.55 17.83 12.76
N GLU A 182 -12.44 18.81 12.56
CA GLU A 182 -13.58 19.02 13.44
C GLU A 182 -14.41 17.75 13.56
N ASP A 183 -14.89 17.48 14.79
CA ASP A 183 -15.69 16.29 15.04
C ASP A 183 -16.91 16.22 14.11
N ALA A 184 -17.49 17.39 13.81
CA ALA A 184 -18.66 17.43 12.94
C ALA A 184 -18.34 17.02 11.51
N SER A 185 -17.10 17.19 11.08
CA SER A 185 -16.67 16.75 9.76
C SER A 185 -16.05 15.36 9.77
N SER A 186 -15.90 14.75 10.96
CA SER A 186 -15.20 13.48 11.12
C SER A 186 -16.17 12.43 11.65
N PHE A 187 -16.74 11.64 10.74
CA PHE A 187 -17.67 10.55 11.05
C PHE A 187 -16.89 9.29 11.38
N PRO A 188 -17.23 8.56 12.46
CA PRO A 188 -16.36 7.45 12.89
C PRO A 188 -16.63 6.15 12.14
N LEU A 189 -16.47 6.19 10.82
CA LEU A 189 -16.55 4.98 10.03
C LEU A 189 -15.46 4.00 10.45
N ASP A 190 -15.79 2.72 10.37
CA ASP A 190 -14.80 1.68 10.64
C ASP A 190 -15.34 0.34 10.15
N TYR A 191 -14.71 -0.25 9.14
CA TYR A 191 -15.13 -1.56 8.64
C TYR A 191 -14.17 -2.65 9.06
N GLY A 192 -13.22 -2.34 9.95
CA GLY A 192 -12.32 -3.33 10.51
C GLY A 192 -10.91 -3.33 9.98
N ILE A 193 -10.56 -2.44 9.05
CA ILE A 193 -9.19 -2.42 8.56
C ILE A 193 -8.28 -1.80 9.61
N ARG A 194 -7.07 -2.36 9.77
CA ARG A 194 -6.25 -1.98 10.91
C ARG A 194 -4.82 -1.56 10.56
N ARG A 195 -4.22 -2.04 9.48
CA ARG A 195 -2.84 -1.64 9.19
C ARG A 195 -2.48 -2.05 7.76
N LEU A 196 -1.38 -1.48 7.26
CA LEU A 196 -0.84 -1.90 5.98
C LEU A 196 0.01 -3.15 6.19
N ASP A 197 -0.33 -4.21 5.47
CA ASP A 197 0.45 -5.45 5.56
C ASP A 197 1.61 -5.46 4.57
N HIS A 198 1.38 -5.07 3.31
CA HIS A 198 2.47 -5.00 2.35
C HIS A 198 2.10 -4.07 1.22
N ALA A 199 3.12 -3.59 0.51
CA ALA A 199 2.98 -2.66 -0.61
C ALA A 199 3.81 -3.19 -1.75
N VAL A 200 3.20 -3.37 -2.92
CA VAL A 200 3.80 -4.13 -4.01
C VAL A 200 4.05 -3.22 -5.20
N GLY A 201 5.27 -3.29 -5.76
CA GLY A 201 5.62 -2.52 -6.94
C GLY A 201 5.76 -3.40 -8.17
N ASN A 202 5.43 -2.84 -9.33
CA ASN A 202 5.65 -3.47 -10.62
C ASN A 202 6.82 -2.77 -11.33
N VAL A 203 7.75 -3.56 -11.86
CA VAL A 203 8.89 -2.95 -12.56
C VAL A 203 9.11 -3.72 -13.85
N PRO A 204 9.85 -3.14 -14.80
CA PRO A 204 10.19 -3.90 -16.01
C PRO A 204 11.18 -5.02 -15.74
N GLU A 205 12.14 -4.83 -14.83
CA GLU A 205 13.17 -5.82 -14.57
C GLU A 205 13.36 -6.01 -13.08
N LEU A 206 13.07 -7.23 -12.60
CA LEU A 206 13.05 -7.51 -11.17
C LEU A 206 14.44 -7.48 -10.55
N GLY A 207 15.42 -8.10 -11.21
CA GLY A 207 16.74 -8.25 -10.64
C GLY A 207 17.39 -6.93 -10.23
N PRO A 208 17.51 -5.99 -11.18
CA PRO A 208 18.09 -4.68 -10.83
C PRO A 208 17.30 -3.92 -9.78
N ALA A 209 15.98 -4.09 -9.75
CA ALA A 209 15.18 -3.42 -8.73
C ALA A 209 15.48 -3.96 -7.34
N LEU A 210 15.54 -5.29 -7.20
CA LEU A 210 15.86 -5.89 -5.91
C LEU A 210 17.25 -5.50 -5.45
N THR A 211 18.23 -5.61 -6.35
CA THR A 211 19.61 -5.26 -6.02
C THR A 211 19.70 -3.82 -5.54
N TYR A 212 18.97 -2.92 -6.19
CA TYR A 212 18.95 -1.53 -5.78
C TYR A 212 18.34 -1.35 -4.39
N VAL A 213 17.10 -1.84 -4.19
CA VAL A 213 16.43 -1.59 -2.92
C VAL A 213 17.09 -2.34 -1.77
N ALA A 214 17.36 -3.63 -1.95
CA ALA A 214 18.06 -4.36 -0.88
C ALA A 214 19.44 -3.77 -0.63
N GLY A 215 20.02 -3.14 -1.66
CA GLY A 215 21.34 -2.54 -1.52
C GLY A 215 21.37 -1.38 -0.53
N PHE A 216 20.38 -0.48 -0.60
CA PHE A 216 20.44 0.69 0.28
C PHE A 216 19.68 0.52 1.61
N THR A 217 18.79 -0.46 1.73
CA THR A 217 18.08 -0.68 2.99
C THR A 217 18.68 -1.75 3.86
N GLY A 218 19.33 -2.75 3.27
CA GLY A 218 19.67 -3.94 4.03
C GLY A 218 18.53 -4.90 4.21
N PHE A 219 17.40 -4.68 3.54
CA PHE A 219 16.27 -5.61 3.60
C PHE A 219 16.66 -6.93 2.98
N HIS A 220 16.13 -8.02 3.54
CA HIS A 220 16.45 -9.37 3.09
C HIS A 220 15.30 -9.98 2.33
N GLN A 221 15.61 -11.01 1.54
CA GLN A 221 14.56 -11.70 0.80
C GLN A 221 13.72 -12.56 1.74
N PHE A 222 12.40 -12.37 1.67
CA PHE A 222 11.48 -13.03 2.59
C PHE A 222 11.24 -14.49 2.23
N ALA A 223 11.08 -14.80 0.94
CA ALA A 223 11.04 -16.17 0.40
C ALA A 223 9.71 -16.88 0.60
N GLU A 224 9.20 -17.47 -0.48
CA GLU A 224 7.87 -18.08 -0.52
C GLU A 224 7.94 -19.57 -0.20
N PHE A 225 6.76 -20.20 -0.14
CA PHE A 225 6.61 -21.63 0.07
C PHE A 225 7.33 -22.13 1.32
N SER A 235 2.46 -18.89 -14.11
CA SER A 235 2.71 -18.02 -15.26
C SER A 235 2.38 -16.57 -14.93
N GLY A 236 2.79 -15.66 -15.81
CA GLY A 236 2.44 -14.26 -15.70
C GLY A 236 3.56 -13.34 -15.23
N LEU A 237 4.15 -13.66 -14.09
CA LEU A 237 5.10 -12.74 -13.46
C LEU A 237 6.19 -13.53 -12.75
N ASN A 238 7.23 -12.81 -12.36
CA ASN A 238 8.17 -13.23 -11.34
C ASN A 238 8.14 -12.21 -10.22
N SER A 239 8.39 -12.69 -9.00
CA SER A 239 8.16 -11.87 -7.82
C SER A 239 9.14 -12.25 -6.73
N ALA A 240 9.46 -11.28 -5.88
CA ALA A 240 10.24 -11.53 -4.68
C ALA A 240 9.88 -10.46 -3.65
N VAL A 241 10.03 -10.79 -2.38
CA VAL A 241 9.60 -9.91 -1.30
C VAL A 241 10.82 -9.50 -0.49
N LEU A 242 10.99 -8.20 -0.31
CA LEU A 242 12.00 -7.64 0.58
C LEU A 242 11.36 -7.35 1.93
N ALA A 243 12.11 -7.61 3.02
CA ALA A 243 11.56 -7.55 4.37
C ALA A 243 12.53 -6.87 5.31
N SER A 244 12.00 -6.14 6.29
CA SER A 244 12.82 -5.56 7.35
C SER A 244 13.17 -6.63 8.38
N ASN A 245 13.91 -6.22 9.41
CA ASN A 245 14.46 -7.13 10.41
C ASN A 245 13.38 -7.98 11.09
N ASP A 246 12.33 -7.34 11.58
CA ASP A 246 11.24 -8.11 12.19
C ASP A 246 10.18 -8.49 11.17
N GLU A 247 10.43 -8.24 9.88
CA GLU A 247 9.58 -8.66 8.77
C GLU A 247 8.18 -8.04 8.88
N MET A 248 8.11 -6.84 9.47
CA MET A 248 6.86 -6.09 9.53
C MET A 248 6.75 -5.05 8.41
N VAL A 249 7.84 -4.65 7.80
CA VAL A 249 7.81 -3.86 6.58
C VAL A 249 8.11 -4.81 5.43
N LEU A 250 7.11 -5.03 4.56
CA LEU A 250 7.19 -6.00 3.48
C LEU A 250 6.96 -5.31 2.16
N LEU A 251 7.89 -5.48 1.23
CA LEU A 251 7.91 -4.77 -0.04
C LEU A 251 8.13 -5.75 -1.19
N PRO A 252 7.07 -6.43 -1.63
CA PRO A 252 7.18 -7.28 -2.83
C PRO A 252 7.38 -6.44 -4.10
N ILE A 253 8.09 -7.04 -5.06
CA ILE A 253 8.30 -6.44 -6.38
C ILE A 253 8.04 -7.49 -7.45
N ASN A 254 7.30 -7.11 -8.49
CA ASN A 254 6.95 -7.99 -9.60
C ASN A 254 7.59 -7.53 -10.91
N GLU A 255 7.89 -8.49 -11.77
CA GLU A 255 8.28 -8.21 -13.15
C GLU A 255 7.45 -9.06 -14.09
N PRO A 256 7.24 -8.61 -15.33
CA PRO A 256 6.45 -9.42 -16.27
C PRO A 256 7.25 -10.60 -16.81
N VAL A 257 6.51 -11.64 -17.19
CA VAL A 257 7.07 -12.76 -17.93
C VAL A 257 6.46 -12.72 -19.33
N HIS A 258 7.30 -12.51 -20.34
CA HIS A 258 6.84 -12.29 -21.70
C HIS A 258 6.71 -13.60 -22.46
N GLY A 259 5.94 -13.56 -23.55
CA GLY A 259 5.80 -14.69 -24.44
C GLY A 259 4.76 -15.71 -24.06
N THR A 260 3.82 -15.35 -23.19
CA THR A 260 2.79 -16.28 -22.76
C THR A 260 1.64 -16.30 -23.77
N LYS A 261 0.54 -16.95 -23.41
CA LYS A 261 -0.69 -16.88 -24.19
C LYS A 261 -1.58 -15.74 -23.70
N ARG A 262 -1.94 -15.76 -22.43
CA ARG A 262 -2.59 -14.63 -21.79
C ARG A 262 -1.54 -13.57 -21.45
N LYS A 263 -1.69 -12.39 -22.04
CA LYS A 263 -0.71 -11.32 -21.85
C LYS A 263 -0.54 -10.99 -20.37
N SER A 264 0.69 -10.69 -19.99
CA SER A 264 1.02 -10.48 -18.58
C SER A 264 0.35 -9.23 -18.04
N GLN A 265 -0.40 -9.38 -16.95
CA GLN A 265 -1.02 -8.21 -16.33
C GLN A 265 0.02 -7.24 -15.78
N ILE A 266 1.25 -7.72 -15.50
CA ILE A 266 2.30 -6.80 -15.12
C ILE A 266 2.70 -5.92 -16.30
N GLN A 267 2.78 -6.51 -17.50
CA GLN A 267 3.05 -5.72 -18.70
C GLN A 267 1.92 -4.74 -18.98
N THR A 268 0.67 -5.19 -18.83
CA THR A 268 -0.46 -4.27 -18.99
C THR A 268 -0.35 -3.10 -18.02
N TYR A 269 -0.04 -3.38 -16.77
CA TYR A 269 0.20 -2.31 -15.79
C TYR A 269 1.22 -1.31 -16.31
N LEU A 270 2.42 -1.80 -16.66
CA LEU A 270 3.49 -0.90 -17.09
C LEU A 270 3.06 -0.04 -18.27
N GLU A 271 2.28 -0.62 -19.18
CA GLU A 271 1.82 0.14 -20.35
C GLU A 271 0.83 1.23 -19.94
N HIS A 272 -0.15 0.89 -19.11
CA HIS A 272 -1.17 1.88 -18.76
C HIS A 272 -0.66 2.88 -17.74
N ASN A 273 0.30 2.50 -16.91
CA ASN A 273 0.89 3.38 -15.91
C ASN A 273 1.99 4.27 -16.46
N GLU A 274 2.43 4.06 -17.70
CA GLU A 274 3.65 4.69 -18.22
C GLU A 274 4.84 4.36 -17.32
N GLY A 275 4.98 3.07 -17.02
CA GLY A 275 6.18 2.58 -16.40
C GLY A 275 5.95 2.02 -15.01
N ALA A 276 7.06 1.75 -14.33
CA ALA A 276 7.03 1.15 -13.01
C ALA A 276 6.24 2.00 -12.04
N GLY A 277 5.64 1.33 -11.06
CA GLY A 277 4.94 2.03 -10.00
C GLY A 277 4.35 1.04 -9.03
N LEU A 278 3.60 1.60 -8.07
CA LEU A 278 2.99 0.76 -7.05
C LEU A 278 1.76 0.05 -7.61
N GLN A 279 1.75 -1.28 -7.48
CA GLN A 279 0.68 -2.12 -8.02
C GLN A 279 -0.45 -2.36 -7.03
N HIS A 280 -0.16 -2.85 -5.82
CA HIS A 280 -1.28 -3.01 -4.89
C HIS A 280 -0.83 -2.77 -3.45
N LEU A 281 -1.80 -2.34 -2.66
CA LEU A 281 -1.69 -2.18 -1.23
C LEU A 281 -2.51 -3.27 -0.56
N ALA A 282 -1.89 -4.02 0.34
CA ALA A 282 -2.61 -5.05 1.09
C ALA A 282 -2.90 -4.52 2.48
N LEU A 283 -4.19 -4.45 2.83
CA LEU A 283 -4.66 -3.89 4.09
C LEU A 283 -5.14 -5.01 4.98
N MET A 284 -4.56 -5.12 6.17
CA MET A 284 -4.94 -6.16 7.13
C MET A 284 -6.23 -5.77 7.84
N SER A 285 -7.16 -6.71 7.92
CA SER A 285 -8.39 -6.52 8.67
C SER A 285 -8.35 -7.37 9.94
N GLU A 286 -8.92 -6.85 11.01
CA GLU A 286 -9.11 -7.67 12.21
C GLU A 286 -10.32 -8.58 12.10
N ASP A 287 -11.11 -8.43 11.04
CA ASP A 287 -12.32 -9.24 10.85
C ASP A 287 -12.68 -9.14 9.38
N ILE A 288 -12.05 -9.98 8.55
CA ILE A 288 -12.18 -9.85 7.11
C ILE A 288 -13.61 -10.11 6.66
N PHE A 289 -14.37 -10.92 7.41
CA PHE A 289 -15.77 -11.13 7.05
C PHE A 289 -16.56 -9.83 7.18
N ARG A 290 -16.34 -9.10 8.29
CA ARG A 290 -17.06 -7.84 8.47
C ARG A 290 -16.61 -6.82 7.45
N THR A 291 -15.29 -6.71 7.23
CA THR A 291 -14.78 -5.75 6.26
C THR A 291 -15.42 -5.97 4.90
N LEU A 292 -15.52 -7.22 4.47
CA LEU A 292 -16.04 -7.48 3.13
C LEU A 292 -17.56 -7.32 3.06
N ARG A 293 -18.27 -7.69 4.12
CA ARG A 293 -19.69 -7.38 4.16
C ARG A 293 -19.91 -5.88 3.98
N GLU A 294 -19.13 -5.06 4.69
CA GLU A 294 -19.34 -3.61 4.65
C GLU A 294 -18.88 -3.03 3.32
N MET A 295 -17.75 -3.50 2.80
CA MET A 295 -17.27 -2.95 1.52
C MET A 295 -18.19 -3.35 0.36
N ARG A 296 -18.70 -4.58 0.36
CA ARG A 296 -19.54 -5.01 -0.74
C ARG A 296 -20.90 -4.33 -0.72
N LYS A 297 -21.39 -3.99 0.48
CA LYS A 297 -22.63 -3.22 0.60
C LYS A 297 -22.54 -1.91 -0.18
N ARG A 298 -21.34 -1.36 -0.26
CA ARG A 298 -21.13 -0.02 -0.80
C ARG A 298 -20.53 -0.02 -2.21
N SER A 299 -20.29 -1.19 -2.82
CA SER A 299 -19.59 -1.22 -4.11
C SER A 299 -20.27 -0.37 -5.15
N SER A 300 -21.60 -0.42 -5.22
CA SER A 300 -22.35 0.27 -6.26
C SER A 300 -22.91 1.62 -5.80
N ILE A 301 -22.55 2.07 -4.60
CA ILE A 301 -23.00 3.36 -4.12
C ILE A 301 -21.80 4.17 -3.66
N GLY A 302 -20.75 4.17 -4.47
CA GLY A 302 -19.60 5.03 -4.30
C GLY A 302 -18.34 4.33 -3.81
N GLY A 303 -18.44 3.06 -3.41
CA GLY A 303 -17.28 2.37 -2.88
C GLY A 303 -16.46 1.65 -3.93
N PHE A 304 -15.96 0.47 -3.59
CA PHE A 304 -15.04 -0.27 -4.44
C PHE A 304 -15.67 -1.58 -4.90
N ASP A 305 -15.37 -1.95 -6.13
CA ASP A 305 -15.78 -3.22 -6.68
C ASP A 305 -14.71 -4.27 -6.41
N PHE A 306 -15.12 -5.54 -6.49
CA PHE A 306 -14.20 -6.64 -6.25
C PHE A 306 -14.08 -7.50 -7.49
N MET A 307 -12.98 -8.25 -7.55
CA MET A 307 -12.75 -9.14 -8.67
C MET A 307 -13.83 -10.21 -8.68
N PRO A 308 -14.02 -10.89 -9.82
CA PRO A 308 -15.00 -11.98 -9.87
C PRO A 308 -14.69 -13.07 -8.85
N SER A 309 -15.75 -13.69 -8.34
CA SER A 309 -15.57 -14.69 -7.31
C SER A 309 -15.15 -16.03 -7.92
N PRO A 310 -14.41 -16.85 -7.19
CA PRO A 310 -13.98 -18.14 -7.72
C PRO A 310 -15.16 -19.08 -7.83
N PRO A 311 -15.07 -20.12 -8.68
CA PRO A 311 -16.21 -21.00 -8.89
C PRO A 311 -16.51 -21.80 -7.63
N PRO A 312 -17.73 -22.32 -7.49
CA PRO A 312 -18.06 -23.07 -6.26
C PRO A 312 -17.15 -24.26 -6.01
N THR A 313 -16.57 -24.84 -7.05
CA THR A 313 -15.69 -25.98 -6.87
C THR A 313 -14.43 -25.62 -6.10
N TYR A 314 -14.01 -24.35 -6.17
CA TYR A 314 -12.87 -23.91 -5.36
C TYR A 314 -13.20 -24.04 -3.88
N TYR A 315 -14.39 -23.59 -3.49
CA TYR A 315 -14.80 -23.72 -2.10
C TYR A 315 -15.12 -25.17 -1.75
N GLN A 316 -15.56 -25.96 -2.73
CA GLN A 316 -15.66 -27.40 -2.53
C GLN A 316 -14.30 -28.00 -2.19
N ASN A 317 -13.22 -27.46 -2.78
CA ASN A 317 -11.90 -27.98 -2.51
C ASN A 317 -11.25 -27.36 -1.26
N LEU A 318 -11.89 -26.36 -0.65
CA LEU A 318 -11.27 -25.69 0.48
C LEU A 318 -11.29 -26.56 1.74
N LYS A 319 -12.34 -27.37 1.91
CA LYS A 319 -12.40 -28.26 3.07
C LYS A 319 -11.20 -29.20 3.10
N LYS A 320 -10.75 -29.65 1.93
CA LYS A 320 -9.62 -30.57 1.85
C LYS A 320 -8.29 -29.90 2.18
N ARG A 321 -8.20 -28.58 2.09
CA ARG A 321 -6.94 -27.90 2.32
C ARG A 321 -6.88 -27.11 3.61
N VAL A 322 -8.01 -26.57 4.07
CA VAL A 322 -8.02 -25.66 5.21
C VAL A 322 -9.14 -26.04 6.17
N GLY A 323 -9.76 -27.21 5.93
CA GLY A 323 -10.85 -27.66 6.78
C GLY A 323 -10.48 -27.87 8.23
N ASP A 324 -9.19 -27.91 8.55
CA ASP A 324 -8.74 -27.95 9.92
C ASP A 324 -8.55 -26.56 10.53
N VAL A 325 -8.61 -25.51 9.72
CA VAL A 325 -8.45 -24.14 10.19
C VAL A 325 -9.78 -23.40 10.20
N LEU A 326 -10.64 -23.68 9.22
CA LEU A 326 -11.92 -23.02 9.10
C LEU A 326 -13.04 -24.05 9.20
N SER A 327 -14.07 -23.71 9.96
CA SER A 327 -15.26 -24.54 10.04
C SER A 327 -16.00 -24.50 8.70
N ASP A 328 -16.89 -25.48 8.51
CA ASP A 328 -17.74 -25.49 7.33
C ASP A 328 -18.52 -24.19 7.19
N ASP A 329 -19.03 -23.67 8.32
CA ASP A 329 -19.77 -22.43 8.29
C ASP A 329 -18.88 -21.26 7.89
N GLN A 330 -17.65 -21.23 8.42
CA GLN A 330 -16.72 -20.16 8.09
C GLN A 330 -16.24 -20.25 6.64
N ILE A 331 -16.26 -21.46 6.07
CA ILE A 331 -15.87 -21.62 4.67
C ILE A 331 -17.00 -21.18 3.73
N LYS A 332 -18.25 -21.53 4.06
CA LYS A 332 -19.35 -21.03 3.25
C LYS A 332 -19.47 -19.51 3.38
N GLU A 333 -19.05 -18.94 4.51
CA GLU A 333 -19.00 -17.49 4.64
C GLU A 333 -17.91 -16.90 3.74
N CYS A 334 -16.78 -17.60 3.58
CA CYS A 334 -15.81 -17.21 2.56
C CYS A 334 -16.45 -17.25 1.18
N GLU A 335 -17.30 -18.24 0.92
CA GLU A 335 -17.91 -18.38 -0.40
C GLU A 335 -18.90 -17.25 -0.66
N GLU A 336 -19.64 -16.82 0.36
CA GLU A 336 -20.61 -15.74 0.19
C GLU A 336 -19.91 -14.46 -0.24
N LEU A 337 -18.75 -14.17 0.34
CA LEU A 337 -18.05 -12.92 0.13
C LEU A 337 -16.98 -12.99 -0.94
N GLY A 338 -16.72 -14.18 -1.48
CA GLY A 338 -15.74 -14.34 -2.54
C GLY A 338 -14.30 -14.29 -2.06
N ILE A 339 -14.06 -14.72 -0.82
CA ILE A 339 -12.74 -14.66 -0.21
C ILE A 339 -11.92 -15.86 -0.68
N LEU A 340 -10.63 -15.63 -0.92
CA LEU A 340 -9.69 -16.70 -1.22
C LEU A 340 -8.92 -17.08 0.03
N VAL A 341 -8.57 -18.36 0.14
CA VAL A 341 -7.81 -18.88 1.26
C VAL A 341 -6.59 -19.64 0.73
N ASP A 342 -5.44 -19.43 1.37
CA ASP A 342 -4.26 -20.19 1.05
C ASP A 342 -3.50 -20.40 2.36
N ARG A 343 -2.55 -21.33 2.35
CA ARG A 343 -1.84 -21.65 3.57
C ARG A 343 -0.37 -21.94 3.27
N ASP A 344 0.50 -21.43 4.14
CA ASP A 344 1.93 -21.70 4.15
C ASP A 344 2.19 -23.00 4.92
N ASP A 345 3.43 -23.21 5.34
CA ASP A 345 3.74 -24.24 6.32
C ASP A 345 3.58 -23.76 7.76
N GLN A 346 3.33 -22.46 7.94
CA GLN A 346 3.24 -21.87 9.27
C GLN A 346 1.94 -21.16 9.56
N GLY A 347 1.16 -20.81 8.54
CA GLY A 347 -0.08 -20.10 8.80
C GLY A 347 -1.01 -20.10 7.60
N THR A 348 -2.17 -19.50 7.80
CA THR A 348 -3.25 -19.46 6.81
C THR A 348 -3.54 -18.02 6.45
N LEU A 349 -3.93 -17.83 5.19
CA LEU A 349 -4.14 -16.52 4.60
C LEU A 349 -5.56 -16.41 4.05
N LEU A 350 -6.31 -15.41 4.48
CA LEU A 350 -7.56 -15.02 3.84
C LEU A 350 -7.34 -13.74 3.04
N GLN A 351 -7.76 -13.71 1.78
CA GLN A 351 -7.46 -12.55 0.95
C GLN A 351 -8.55 -12.35 -0.12
N ILE A 352 -8.62 -11.12 -0.63
CA ILE A 352 -9.50 -10.81 -1.75
C ILE A 352 -8.99 -9.50 -2.34
N PHE A 353 -9.31 -9.26 -3.60
CA PHE A 353 -8.76 -8.14 -4.36
C PHE A 353 -9.86 -7.25 -4.93
N THR A 354 -9.63 -5.95 -4.87
CA THR A 354 -10.55 -5.04 -5.53
C THR A 354 -10.22 -4.92 -7.01
N LYS A 355 -11.20 -4.43 -7.76
CA LYS A 355 -10.93 -3.91 -9.10
C LYS A 355 -10.06 -2.66 -8.97
N PRO A 356 -9.48 -2.17 -10.07
CA PRO A 356 -8.61 -1.01 -9.96
C PRO A 356 -9.29 0.19 -9.33
N LEU A 357 -8.51 0.97 -8.57
CA LEU A 357 -9.08 2.05 -7.75
C LEU A 357 -9.48 3.26 -8.57
N GLY A 358 -8.98 3.38 -9.78
CA GLY A 358 -9.27 4.53 -10.61
C GLY A 358 -9.53 4.20 -12.06
N ASP A 359 -9.37 5.18 -12.95
CA ASP A 359 -9.66 4.99 -14.38
C ASP A 359 -8.77 3.91 -15.01
N ARG A 360 -7.50 3.86 -14.61
CA ARG A 360 -6.55 3.01 -15.31
C ARG A 360 -6.44 1.65 -14.65
N PRO A 361 -6.17 0.59 -15.45
CA PRO A 361 -6.01 -0.76 -14.88
C PRO A 361 -4.63 -0.93 -14.25
N THR A 362 -4.41 -0.18 -13.17
CA THR A 362 -3.10 -0.09 -12.57
C THR A 362 -3.20 -0.50 -11.10
N ILE A 363 -3.37 0.46 -10.20
CA ILE A 363 -3.35 0.16 -8.76
C ILE A 363 -4.68 -0.47 -8.30
N PHE A 364 -4.59 -1.42 -7.39
CA PHE A 364 -5.76 -2.01 -6.74
C PHE A 364 -5.42 -2.30 -5.28
N ILE A 365 -6.42 -2.75 -4.52
CA ILE A 365 -6.26 -3.01 -3.09
C ILE A 365 -6.53 -4.48 -2.83
N GLU A 366 -5.77 -5.04 -1.88
CA GLU A 366 -6.02 -6.38 -1.35
C GLU A 366 -6.45 -6.23 0.10
N ILE A 367 -7.48 -6.98 0.49
CA ILE A 367 -7.84 -7.04 1.90
C ILE A 367 -7.38 -8.41 2.41
N ILE A 368 -6.76 -8.43 3.59
CA ILE A 368 -6.07 -9.62 4.05
C ILE A 368 -6.34 -9.84 5.55
N GLN A 369 -6.39 -11.11 5.95
CA GLN A 369 -6.29 -11.45 7.36
C GLN A 369 -5.48 -12.73 7.48
N ARG A 370 -4.60 -12.78 8.47
CA ARG A 370 -3.69 -13.90 8.67
C ARG A 370 -4.00 -14.58 9.99
N VAL A 371 -3.86 -15.90 10.02
CA VAL A 371 -4.14 -16.65 11.24
C VAL A 371 -2.98 -17.62 11.47
N GLY A 372 -2.43 -17.59 12.69
CA GLY A 372 -1.29 -18.39 13.07
C GLY A 372 -0.09 -17.53 13.43
N CYS A 373 1.05 -18.19 13.60
CA CYS A 373 2.34 -17.54 13.80
C CYS A 373 2.29 -16.63 15.03
N MET A 374 1.82 -17.19 16.14
CA MET A 374 1.66 -16.42 17.37
C MET A 374 2.89 -16.62 18.25
N MET A 375 3.45 -15.52 18.74
CA MET A 375 4.59 -15.56 19.65
C MET A 375 4.15 -15.03 21.02
N TYR A 383 1.99 -11.66 20.00
CA TYR A 383 2.02 -10.97 18.71
C TYR A 383 2.03 -11.97 17.56
N GLN A 384 1.71 -11.49 16.36
CA GLN A 384 1.76 -12.29 15.15
C GLN A 384 2.99 -11.91 14.34
N SER A 385 3.72 -12.92 13.87
CA SER A 385 4.92 -12.67 13.07
C SER A 385 4.53 -12.26 11.65
N GLY A 386 5.41 -11.49 11.02
CA GLY A 386 5.08 -10.91 9.73
C GLY A 386 4.99 -11.93 8.61
N GLY A 387 4.09 -11.66 7.67
CA GLY A 387 3.94 -12.50 6.51
C GLY A 387 3.39 -13.89 6.77
N CYS A 388 2.73 -14.10 7.92
CA CYS A 388 2.19 -15.41 8.27
C CYS A 388 1.21 -15.92 7.23
N GLY A 389 1.55 -17.03 6.59
CA GLY A 389 0.71 -17.60 5.56
C GLY A 389 1.17 -17.28 4.15
N GLY A 390 2.11 -16.36 4.01
CA GLY A 390 2.64 -16.00 2.71
C GLY A 390 1.83 -14.92 2.04
N PHE A 391 1.71 -14.99 0.71
CA PHE A 391 1.05 -13.94 -0.06
C PHE A 391 0.04 -14.51 -1.05
N GLY A 392 -0.24 -15.80 -1.00
CA GLY A 392 -1.28 -16.39 -1.82
C GLY A 392 -0.82 -17.15 -3.03
N LYS A 393 0.48 -17.42 -3.14
CA LYS A 393 1.03 -18.03 -4.36
C LYS A 393 0.33 -19.35 -4.68
N GLY A 394 -0.08 -20.10 -3.66
CA GLY A 394 -0.72 -21.38 -3.87
C GLY A 394 -2.11 -21.28 -4.47
N ASN A 395 -2.74 -20.10 -4.39
CA ASN A 395 -4.06 -19.91 -4.99
C ASN A 395 -4.00 -19.90 -6.51
N PHE A 396 -2.82 -19.69 -7.10
CA PHE A 396 -2.69 -19.67 -8.55
C PHE A 396 -2.97 -21.05 -9.14
N SER A 397 -2.24 -22.07 -8.68
CA SER A 397 -2.50 -23.43 -9.13
C SER A 397 -3.93 -23.85 -8.77
N GLU A 398 -4.41 -23.43 -7.60
CA GLU A 398 -5.72 -23.87 -7.14
C GLU A 398 -6.84 -23.35 -8.04
N LEU A 399 -6.72 -22.12 -8.55
CA LEU A 399 -7.82 -21.53 -9.33
C LEU A 399 -7.82 -22.04 -10.76
N PHE A 400 -6.64 -22.24 -11.33
CA PHE A 400 -6.55 -22.94 -12.60
C PHE A 400 -7.23 -24.30 -12.48
N LYS A 401 -6.93 -25.03 -11.39
CA LYS A 401 -7.57 -26.33 -11.16
C LYS A 401 -9.07 -26.17 -10.89
N SER A 402 -9.46 -25.12 -10.18
CA SER A 402 -10.88 -24.88 -9.95
C SER A 402 -11.58 -24.50 -11.25
N ILE A 403 -10.90 -23.77 -12.13
CA ILE A 403 -11.47 -23.46 -13.45
C ILE A 403 -11.75 -24.74 -14.23
N GLU A 404 -10.80 -25.69 -14.18
CA GLU A 404 -11.00 -26.96 -14.87
C GLU A 404 -12.12 -27.77 -14.23
N GLU A 405 -12.25 -27.71 -12.91
CA GLU A 405 -13.28 -28.50 -12.23
C GLU A 405 -14.67 -27.93 -12.47
N TYR A 406 -14.81 -26.60 -12.45
CA TYR A 406 -16.11 -25.99 -12.72
C TYR A 406 -16.57 -26.30 -14.14
N GLU A 407 -15.64 -26.28 -15.10
CA GLU A 407 -15.99 -26.61 -16.48
C GLU A 407 -16.53 -28.02 -16.59
N LYS A 408 -15.94 -28.96 -15.85
CA LYS A 408 -16.38 -30.35 -15.86
C LYS A 408 -17.79 -30.50 -15.32
CO CO B . -0.51 -9.25 -2.05
C10 9QL C . 1.65 -10.89 -3.47
N12 9QL C . 2.80 -12.31 -4.65
C13 9QL C . 1.54 -12.41 -5.05
C15 9QL C . 4.06 -10.94 -2.96
C17 9QL C . -5.27 -15.74 -7.07
C20 9QL C . -4.08 -15.59 -9.71
C21 9QL C . -4.67 -14.34 -9.07
C22 9QL C . 1.16 -13.38 -6.16
C24 9QL C . 0.18 -13.78 -8.59
C26 9QL C . 1.09 -15.82 -7.17
C1 9QL C . -1.69 -12.07 -5.18
C2 9QL C . -2.06 -13.47 -4.70
C3 9QL C . -3.06 -14.31 -5.50
C4 9QL C . -3.67 -13.71 -6.77
C5 9QL C . -3.30 -12.32 -7.25
C6 9QL C . -2.32 -11.49 -6.45
C7 9QL C . -0.71 -11.24 -4.36
C9 9QL C . 0.80 -11.52 -4.32
C18 9QL C . -4.78 -16.95 -7.84
C19 9QL C . -4.78 -16.78 -9.28
C23 9QL C . 0.55 -12.84 -7.45
C25 9QL C . 0.46 -15.27 -8.45
C27 9QL C . 1.46 -14.88 -6.03
N11 9QL C . 2.87 -11.37 -3.65
N16 9QL C . -4.62 -14.46 -7.55
N28 9QL C . -2.01 -10.17 -6.95
O8 9QL C . -1.18 -10.37 -3.71
O14 9QL C . 1.35 -9.90 -2.54
O29 9QL C . -0.91 -9.78 -6.96
O30 9QL C . -3.05 -9.38 -7.46
#